data_6I03
#
_entry.id   6I03
#
_cell.length_a   37.520
_cell.length_b   54.280
_cell.length_c   104.420
_cell.angle_alpha   90.00
_cell.angle_beta   90.00
_cell.angle_gamma   90.00
#
_symmetry.space_group_name_H-M   'P 21 21 21'
#
loop_
_entity.id
_entity.type
_entity.pdbx_description
1 polymer Beta-phosphoglucomutase
2 non-polymer 'TETRAFLUOROALUMINATE ION'
3 non-polymer 6-O-phosphono-beta-D-glucopyranose
4 non-polymer 'SODIUM ION'
5 non-polymer 'MAGNESIUM ION'
6 water water
#
_entity_poly.entity_id   1
_entity_poly.type   'polypeptide(L)'
_entity_poly.pdbx_seq_one_letter_code
;(ACE)MFKAVLFDLNGVITDTAEYHFRAWKALAEEIGINGVDRQFNEQLKGVSREDSLQKILDLADKKVSAEEFKELAKR
KNDNYVKMIQDVSPADVYPGILQLLKDLRSNKIKIALASASKNGPFLLERMNLTGYFDAIADPAEVAASKPAPDIFIAAA
HAVGVAPSESIGLEDSQAGIQAIKDSGALPIGVGRPEDLGDDIVIVPDTSHYTLEFLKEVWLQKQK
;
_entity_poly.pdbx_strand_id   A
#
loop_
_chem_comp.id
_chem_comp.type
_chem_comp.name
_chem_comp.formula
ACE non-polymer 'ACETYL GROUP' 'C2 H4 O'
ALF non-polymer 'TETRAFLUOROALUMINATE ION' 'Al F4 -1'
BG6 D-saccharide, beta linking 6-O-phosphono-beta-D-glucopyranose 'C6 H13 O9 P'
MG non-polymer 'MAGNESIUM ION' 'Mg 2'
NA non-polymer 'SODIUM ION' 'Na 1'
#
# COMPACT_ATOMS: atom_id res chain seq x y z
C ACE A 1 0.65 -20.79 -12.88
O ACE A 1 1.08 -20.26 -11.91
CH3 ACE A 1 0.66 -22.27 -12.93
N MET A 2 0.14 -20.19 -13.94
CA MET A 2 0.12 -18.72 -14.14
C MET A 2 -0.63 -18.03 -12.99
N PHE A 3 -0.21 -16.84 -12.60
CA PHE A 3 -0.94 -16.05 -11.58
C PHE A 3 -2.32 -15.69 -12.13
N LYS A 4 -3.28 -15.53 -11.21
CA LYS A 4 -4.70 -15.30 -11.54
C LYS A 4 -5.19 -13.96 -11.01
N ALA A 5 -4.39 -13.26 -10.19
CA ALA A 5 -4.79 -11.93 -9.68
C ALA A 5 -3.55 -11.10 -9.43
N VAL A 6 -3.74 -9.79 -9.51
CA VAL A 6 -2.76 -8.80 -9.04
C VAL A 6 -3.46 -7.93 -8.00
N LEU A 7 -2.80 -7.81 -6.86
CA LEU A 7 -3.30 -7.11 -5.66
C LEU A 7 -2.49 -5.84 -5.51
N PHE A 8 -3.14 -4.71 -5.70
CA PHE A 8 -2.45 -3.41 -5.77
C PHE A 8 -2.54 -2.66 -4.46
N ASP A 9 -1.38 -2.28 -3.91
CA ASP A 9 -1.31 -1.09 -3.04
C ASP A 9 -1.69 0.12 -3.89
N LEU A 10 -2.10 1.21 -3.25
CA LEU A 10 -2.47 2.45 -3.99
C LEU A 10 -1.34 3.48 -3.87
N ASN A 11 -1.08 3.97 -2.66
CA ASN A 11 -0.21 5.15 -2.48
C ASN A 11 1.23 4.74 -2.78
N GLY A 12 1.85 5.41 -3.74
CA GLY A 12 3.23 5.11 -4.16
C GLY A 12 3.31 3.98 -5.17
N VAL A 13 2.19 3.40 -5.58
CA VAL A 13 2.18 2.33 -6.61
C VAL A 13 1.33 2.79 -7.80
N ILE A 14 0.08 3.18 -7.55
CA ILE A 14 -0.81 3.67 -8.62
C ILE A 14 -0.51 5.13 -8.93
N THR A 15 -0.16 5.90 -7.91
CA THR A 15 0.08 7.34 -8.07
C THR A 15 0.98 7.81 -6.93
N ASP A 16 1.48 9.03 -7.06
CA ASP A 16 2.47 9.64 -6.15
C ASP A 16 1.83 10.21 -4.87
N THR A 17 0.83 9.56 -4.29
CA THR A 17 0.16 10.08 -3.07
C THR A 17 0.93 9.67 -1.82
N ALA A 18 1.89 8.76 -1.86
CA ALA A 18 2.76 8.54 -0.68
C ALA A 18 3.44 9.87 -0.32
N GLU A 19 3.80 10.67 -1.32
CA GLU A 19 4.44 11.97 -1.08
C GLU A 19 3.49 12.86 -0.28
N TYR A 20 2.22 12.88 -0.62
CA TYR A 20 1.23 13.74 0.08
C TYR A 20 0.97 13.22 1.50
N HIS A 21 0.91 11.92 1.71
CA HIS A 21 0.81 11.37 3.09
C HIS A 21 2.01 11.84 3.90
N PHE A 22 3.20 11.73 3.33
CA PHE A 22 4.43 12.17 4.03
C PHE A 22 4.32 13.65 4.40
N ARG A 23 4.01 14.50 3.44
CA ARG A 23 3.98 15.94 3.70
C ARG A 23 2.94 16.25 4.78
N ALA A 24 1.77 15.60 4.71
CA ALA A 24 0.71 15.85 5.70
C ALA A 24 1.11 15.36 7.09
N TRP A 25 1.72 14.18 7.19
CA TRP A 25 2.14 13.67 8.52
C TRP A 25 3.24 14.54 9.09
N LYS A 26 4.16 14.99 8.25
CA LYS A 26 5.29 15.84 8.71
C LYS A 26 4.73 17.16 9.25
N ALA A 27 3.76 17.75 8.56
CA ALA A 27 3.13 19.02 8.99
C ALA A 27 2.45 18.80 10.34
N LEU A 28 1.73 17.69 10.49
N LEU A 28 1.70 17.71 10.50
CA LEU A 28 1.00 17.33 11.73
CA LEU A 28 1.02 17.44 11.78
C LEU A 28 2.00 17.19 12.88
C LEU A 28 2.09 17.29 12.88
N ALA A 29 3.08 16.44 12.65
CA ALA A 29 4.14 16.19 13.66
C ALA A 29 4.74 17.52 14.13
N GLU A 30 5.10 18.38 13.19
CA GLU A 30 5.77 19.65 13.57
C GLU A 30 4.80 20.54 14.35
N GLU A 31 3.51 20.51 14.04
CA GLU A 31 2.50 21.30 14.79
C GLU A 31 2.50 20.89 16.27
N ILE A 32 2.80 19.63 16.57
CA ILE A 32 2.80 19.13 17.98
C ILE A 32 4.24 19.01 18.49
N GLY A 33 5.20 19.66 17.82
CA GLY A 33 6.57 19.82 18.36
C GLY A 33 7.44 18.61 18.12
N ILE A 34 7.06 17.74 17.19
CA ILE A 34 7.83 16.52 16.82
C ILE A 34 8.48 16.78 15.45
N ASN A 35 9.80 16.84 15.42
CA ASN A 35 10.53 17.27 14.20
C ASN A 35 11.23 16.09 13.50
N GLY A 36 11.02 14.86 13.99
CA GLY A 36 11.76 13.69 13.49
C GLY A 36 11.14 13.01 12.28
N VAL A 37 10.01 13.50 11.76
CA VAL A 37 9.37 12.88 10.56
C VAL A 37 10.08 13.41 9.31
N ASP A 38 11.20 12.80 8.98
CA ASP A 38 11.94 13.07 7.72
C ASP A 38 11.71 11.88 6.78
N ARG A 39 12.30 11.95 5.59
CA ARG A 39 12.03 10.89 4.59
C ARG A 39 12.48 9.54 5.11
N GLN A 40 13.59 9.47 5.82
CA GLN A 40 14.07 8.16 6.34
C GLN A 40 13.03 7.60 7.31
N PHE A 41 12.58 8.39 8.28
CA PHE A 41 11.58 7.91 9.27
C PHE A 41 10.30 7.51 8.53
N ASN A 42 9.95 8.28 7.51
CA ASN A 42 8.68 8.05 6.80
C ASN A 42 8.63 6.65 6.16
N GLU A 43 9.79 6.02 5.92
CA GLU A 43 9.77 4.63 5.40
C GLU A 43 9.05 3.72 6.41
N GLN A 44 9.06 4.06 7.70
CA GLN A 44 8.32 3.29 8.75
C GLN A 44 6.83 3.60 8.75
N LEU A 45 6.40 4.69 8.10
CA LEU A 45 4.97 5.10 8.05
C LEU A 45 4.28 4.59 6.78
N LYS A 46 5.03 4.36 5.70
CA LYS A 46 4.39 3.91 4.44
C LYS A 46 3.66 2.59 4.72
N GLY A 47 2.43 2.48 4.23
CA GLY A 47 1.64 1.25 4.37
C GLY A 47 0.93 1.13 5.71
N VAL A 48 1.25 1.97 6.68
CA VAL A 48 0.69 1.87 8.06
C VAL A 48 -0.62 2.67 8.11
N SER A 49 -1.59 2.17 8.87
CA SER A 49 -2.93 2.82 8.99
C SER A 49 -2.78 4.22 9.55
N ARG A 50 -3.85 5.00 9.45
CA ARG A 50 -3.86 6.39 9.93
C ARG A 50 -3.51 6.44 11.42
N GLU A 51 -4.20 5.64 12.23
CA GLU A 51 -4.02 5.71 13.70
C GLU A 51 -2.65 5.15 14.06
N ASP A 52 -2.22 4.08 13.38
CA ASP A 52 -0.90 3.47 13.68
C ASP A 52 0.20 4.45 13.29
N SER A 53 0.00 5.23 12.22
CA SER A 53 0.98 6.25 11.79
C SER A 53 1.12 7.31 12.88
N LEU A 54 -0.01 7.84 13.35
CA LEU A 54 0.03 8.86 14.42
C LEU A 54 0.74 8.27 15.64
N GLN A 55 0.43 7.03 16.01
CA GLN A 55 1.05 6.46 17.23
C GLN A 55 2.56 6.31 17.02
N LYS A 56 3.02 5.95 15.81
CA LYS A 56 4.48 5.81 15.57
C LYS A 56 5.14 7.17 15.70
N ILE A 57 4.48 8.22 15.24
CA ILE A 57 5.03 9.61 15.36
C ILE A 57 5.10 10.01 16.84
N LEU A 58 4.06 9.74 17.61
CA LEU A 58 4.04 10.08 19.05
C LEU A 58 5.16 9.28 19.75
N ASP A 59 5.32 8.02 19.38
CA ASP A 59 6.31 7.10 20.02
C ASP A 59 7.73 7.57 19.72
N LEU A 60 7.97 8.05 18.50
CA LEU A 60 9.29 8.61 18.10
C LEU A 60 9.72 9.66 19.13
N ALA A 61 8.76 10.45 19.63
CA ALA A 61 8.99 11.58 20.54
C ALA A 61 8.75 11.20 22.01
N ASP A 62 8.42 9.93 22.29
CA ASP A 62 7.99 9.45 23.64
C ASP A 62 6.90 10.38 24.18
N LYS A 63 6.03 10.87 23.30
CA LYS A 63 4.96 11.85 23.61
C LYS A 63 3.66 11.11 23.90
N LYS A 64 2.96 11.53 24.95
CA LYS A 64 1.61 11.02 25.30
C LYS A 64 0.62 12.18 25.14
N VAL A 65 -0.51 11.90 24.49
CA VAL A 65 -1.64 12.86 24.30
C VAL A 65 -2.90 12.22 24.86
N SER A 66 -3.94 13.02 25.11
CA SER A 66 -5.26 12.50 25.56
C SER A 66 -5.92 11.75 24.40
N ALA A 67 -6.88 10.89 24.72
CA ALA A 67 -7.71 10.17 23.72
C ALA A 67 -8.40 11.19 22.82
N GLU A 68 -8.88 12.29 23.39
CA GLU A 68 -9.56 13.37 22.65
C GLU A 68 -8.58 13.99 21.66
N GLU A 69 -7.34 14.29 22.08
N GLU A 69 -7.38 14.32 22.14
CA GLU A 69 -6.31 14.96 21.23
CA GLU A 69 -6.31 14.92 21.30
C GLU A 69 -5.81 13.98 20.15
C GLU A 69 -6.01 13.96 20.16
N PHE A 70 -5.73 12.69 20.46
CA PHE A 70 -5.32 11.68 19.46
C PHE A 70 -6.34 11.67 18.31
N LYS A 71 -7.62 11.60 18.65
CA LYS A 71 -8.71 11.58 17.65
C LYS A 71 -8.66 12.87 16.80
N GLU A 72 -8.49 14.01 17.45
CA GLU A 72 -8.47 15.32 16.74
C GLU A 72 -7.26 15.37 15.80
N LEU A 73 -6.12 14.87 16.25
CA LEU A 73 -4.90 14.95 15.41
C LEU A 73 -5.04 14.08 14.16
N ALA A 74 -5.53 12.86 14.29
CA ALA A 74 -5.73 11.99 13.11
C ALA A 74 -6.72 12.64 12.14
N LYS A 75 -7.78 13.24 12.66
CA LYS A 75 -8.79 13.91 11.83
C LYS A 75 -8.18 15.14 11.14
N ARG A 76 -7.36 15.90 11.87
CA ARG A 76 -6.69 17.11 11.32
C ARG A 76 -5.80 16.71 10.14
N LYS A 77 -4.99 15.68 10.34
CA LYS A 77 -4.11 15.22 9.24
C LYS A 77 -4.97 14.77 8.08
N ASN A 78 -6.01 13.98 8.33
CA ASN A 78 -6.84 13.49 7.21
C ASN A 78 -7.50 14.65 6.47
N ASP A 79 -8.01 15.64 7.19
CA ASP A 79 -8.68 16.77 6.53
C ASP A 79 -7.68 17.49 5.63
N ASN A 80 -6.44 17.66 6.08
CA ASN A 80 -5.38 18.32 5.29
C ASN A 80 -5.08 17.47 4.05
N TYR A 81 -4.85 16.18 4.25
CA TYR A 81 -4.56 15.24 3.14
C TYR A 81 -5.69 15.26 2.11
N VAL A 82 -6.94 15.20 2.55
CA VAL A 82 -8.10 15.17 1.64
C VAL A 82 -8.13 16.47 0.83
N LYS A 83 -7.81 17.61 1.44
CA LYS A 83 -7.73 18.85 0.64
C LYS A 83 -6.60 18.76 -0.39
N MET A 84 -5.47 18.18 0.01
CA MET A 84 -4.31 18.07 -0.93
C MET A 84 -4.64 17.24 -2.18
N ILE A 85 -5.52 16.25 -2.07
CA ILE A 85 -5.74 15.30 -3.19
C ILE A 85 -6.96 15.69 -4.04
N GLN A 86 -7.61 16.83 -3.81
CA GLN A 86 -8.85 17.12 -4.58
C GLN A 86 -8.54 17.24 -6.07
N ASP A 87 -7.37 17.74 -6.43
CA ASP A 87 -7.07 17.98 -7.88
C ASP A 87 -6.34 16.80 -8.52
N VAL A 88 -6.15 15.69 -7.84
CA VAL A 88 -5.63 14.47 -8.50
C VAL A 88 -6.51 14.15 -9.70
N SER A 89 -5.88 13.72 -10.79
CA SER A 89 -6.60 13.49 -12.06
C SER A 89 -6.00 12.28 -12.75
N PRO A 90 -6.58 11.83 -13.87
CA PRO A 90 -5.97 10.73 -14.62
C PRO A 90 -4.53 11.02 -15.04
N ALA A 91 -4.15 12.28 -15.21
CA ALA A 91 -2.76 12.62 -15.60
C ALA A 91 -1.78 12.23 -14.49
N ASP A 92 -2.26 11.97 -13.28
CA ASP A 92 -1.39 11.65 -12.13
C ASP A 92 -1.22 10.14 -11.98
N VAL A 93 -1.85 9.33 -12.82
CA VAL A 93 -1.57 7.88 -12.75
C VAL A 93 -0.10 7.67 -13.10
N TYR A 94 0.60 6.84 -12.31
CA TYR A 94 2.03 6.58 -12.55
C TYR A 94 2.21 5.89 -13.89
N PRO A 95 3.41 6.05 -14.47
CA PRO A 95 3.71 5.41 -15.74
C PRO A 95 3.54 3.89 -15.66
N GLY A 96 2.98 3.33 -16.72
CA GLY A 96 2.80 1.87 -16.82
C GLY A 96 1.50 1.38 -16.22
N ILE A 97 0.94 2.07 -15.24
CA ILE A 97 -0.15 1.48 -14.44
C ILE A 97 -1.42 1.33 -15.29
N LEU A 98 -1.83 2.36 -16.03
CA LEU A 98 -3.07 2.24 -16.81
C LEU A 98 -2.94 1.09 -17.82
N GLN A 99 -1.81 1.00 -18.50
CA GLN A 99 -1.63 -0.06 -19.52
C GLN A 99 -1.63 -1.43 -18.85
N LEU A 100 -1.02 -1.51 -17.66
CA LEU A 100 -1.01 -2.79 -16.92
C LEU A 100 -2.44 -3.21 -16.64
N LEU A 101 -3.27 -2.31 -16.15
CA LEU A 101 -4.67 -2.66 -15.82
C LEU A 101 -5.39 -3.15 -17.08
N LYS A 102 -5.18 -2.48 -18.18
CA LYS A 102 -5.82 -2.88 -19.47
C LYS A 102 -5.32 -4.27 -19.88
N ASP A 103 -4.03 -4.51 -19.76
CA ASP A 103 -3.43 -5.80 -20.18
C ASP A 103 -3.91 -6.92 -19.26
N LEU A 104 -3.99 -6.67 -17.96
CA LEU A 104 -4.50 -7.69 -17.02
C LEU A 104 -5.93 -8.06 -17.39
N ARG A 105 -6.79 -7.08 -17.62
CA ARG A 105 -8.19 -7.39 -17.95
C ARG A 105 -8.27 -8.16 -19.26
N SER A 106 -7.51 -7.78 -20.28
N SER A 106 -7.47 -7.80 -20.25
CA SER A 106 -7.48 -8.50 -21.57
CA SER A 106 -7.49 -8.48 -21.57
C SER A 106 -7.18 -9.98 -21.32
C SER A 106 -7.04 -9.94 -21.43
N ASN A 107 -6.25 -10.24 -20.41
CA ASN A 107 -5.75 -11.61 -20.13
C ASN A 107 -6.54 -12.29 -19.02
N LYS A 108 -7.68 -11.71 -18.61
CA LYS A 108 -8.60 -12.33 -17.62
C LYS A 108 -7.89 -12.54 -16.28
N ILE A 109 -6.98 -11.63 -15.94
CA ILE A 109 -6.32 -11.66 -14.61
C ILE A 109 -7.06 -10.67 -13.72
N LYS A 110 -7.52 -11.13 -12.57
CA LYS A 110 -8.32 -10.29 -11.65
C LYS A 110 -7.45 -9.17 -11.07
N ILE A 111 -8.11 -8.06 -10.79
CA ILE A 111 -7.47 -6.82 -10.28
C ILE A 111 -8.18 -6.46 -8.99
N ALA A 112 -7.43 -6.37 -7.90
CA ALA A 112 -8.02 -5.98 -6.61
C ALA A 112 -7.19 -4.91 -5.95
N LEU A 113 -7.86 -3.99 -5.26
CA LEU A 113 -7.15 -2.99 -4.44
C LEU A 113 -6.95 -3.55 -3.03
N ALA A 114 -5.70 -3.53 -2.57
CA ALA A 114 -5.29 -3.95 -1.22
C ALA A 114 -4.67 -2.74 -0.53
N SER A 115 -5.43 -1.65 -0.45
CA SER A 115 -4.95 -0.41 0.19
C SER A 115 -5.48 -0.30 1.62
N ALA A 116 -4.62 0.20 2.49
CA ALA A 116 -4.99 0.60 3.85
C ALA A 116 -5.80 1.90 3.85
N SER A 117 -5.81 2.63 2.74
CA SER A 117 -6.35 4.01 2.77
C SER A 117 -7.87 4.02 2.63
N LYS A 118 -8.53 4.69 3.57
CA LYS A 118 -9.99 4.90 3.48
C LYS A 118 -10.32 5.91 2.37
N ASN A 119 -9.31 6.63 1.90
CA ASN A 119 -9.42 7.56 0.75
C ASN A 119 -9.22 6.83 -0.58
N GLY A 120 -9.02 5.51 -0.57
CA GLY A 120 -8.73 4.76 -1.80
C GLY A 120 -9.83 4.92 -2.85
N PRO A 121 -11.12 4.65 -2.54
CA PRO A 121 -12.14 4.74 -3.57
C PRO A 121 -12.22 6.13 -4.20
N PHE A 122 -12.12 7.17 -3.38
CA PHE A 122 -12.12 8.56 -3.90
C PHE A 122 -10.97 8.75 -4.89
N LEU A 123 -9.78 8.27 -4.54
CA LEU A 123 -8.62 8.44 -5.44
C LEU A 123 -8.78 7.66 -6.74
N LEU A 124 -9.28 6.43 -6.67
CA LEU A 124 -9.50 5.69 -7.94
C LEU A 124 -10.51 6.43 -8.81
N GLU A 125 -11.53 7.02 -8.21
CA GLU A 125 -12.49 7.82 -9.00
C GLU A 125 -11.80 9.06 -9.59
N ARG A 126 -10.97 9.75 -8.81
CA ARG A 126 -10.24 10.94 -9.32
C ARG A 126 -9.45 10.57 -10.58
N MET A 127 -8.86 9.37 -10.57
CA MET A 127 -7.95 8.93 -11.66
C MET A 127 -8.68 8.15 -12.75
N ASN A 128 -10.00 8.03 -12.69
CA ASN A 128 -10.79 7.25 -13.69
C ASN A 128 -10.24 5.83 -13.77
N LEU A 129 -9.99 5.23 -12.61
CA LEU A 129 -9.49 3.84 -12.56
C LEU A 129 -10.49 2.87 -11.95
N THR A 130 -11.60 3.34 -11.36
CA THR A 130 -12.50 2.45 -10.61
C THR A 130 -12.93 1.28 -11.49
N GLY A 131 -13.25 1.54 -12.76
CA GLY A 131 -13.77 0.52 -13.68
C GLY A 131 -12.80 -0.62 -13.96
N TYR A 132 -11.52 -0.44 -13.64
CA TYR A 132 -10.52 -1.51 -13.88
C TYR A 132 -10.53 -2.53 -12.74
N PHE A 133 -11.04 -2.16 -11.59
CA PHE A 133 -10.91 -3.00 -10.39
C PHE A 133 -12.08 -3.96 -10.28
N ASP A 134 -11.76 -5.24 -10.14
CA ASP A 134 -12.77 -6.28 -9.85
C ASP A 134 -13.24 -6.18 -8.40
N ALA A 135 -12.38 -5.74 -7.50
CA ALA A 135 -12.75 -5.55 -6.08
C ALA A 135 -11.86 -4.49 -5.45
N ILE A 136 -12.44 -3.83 -4.46
CA ILE A 136 -11.73 -2.93 -3.52
C ILE A 136 -11.94 -3.54 -2.14
N ALA A 137 -10.87 -4.04 -1.53
CA ALA A 137 -10.95 -4.57 -0.15
C ALA A 137 -11.12 -3.38 0.78
N ASP A 138 -12.18 -3.38 1.57
CA ASP A 138 -12.47 -2.24 2.47
C ASP A 138 -11.54 -2.36 3.68
N PRO A 139 -10.61 -1.40 3.90
CA PRO A 139 -9.66 -1.52 5.01
C PRO A 139 -10.31 -1.33 6.39
N ALA A 140 -11.51 -0.79 6.46
CA ALA A 140 -12.25 -0.68 7.73
C ALA A 140 -12.80 -2.06 8.14
N GLU A 141 -12.90 -3.02 7.23
CA GLU A 141 -13.53 -4.34 7.48
C GLU A 141 -12.52 -5.35 7.99
N VAL A 142 -11.24 -5.22 7.70
N VAL A 142 -11.21 -5.05 7.82
CA VAL A 142 -10.28 -6.25 8.21
CA VAL A 142 -10.04 -5.96 7.96
C VAL A 142 -10.16 -6.04 9.72
C VAL A 142 -9.25 -5.63 9.25
N ALA A 143 -9.93 -7.12 10.47
N ALA A 143 -8.92 -6.66 10.04
CA ALA A 143 -9.72 -7.06 11.93
CA ALA A 143 -8.61 -6.57 11.49
C ALA A 143 -8.28 -6.60 12.22
C ALA A 143 -7.10 -6.60 11.78
N ALA A 144 -7.38 -6.65 11.24
N ALA A 144 -6.27 -5.88 11.03
CA ALA A 144 -5.95 -6.31 11.42
CA ALA A 144 -4.80 -5.80 11.26
C ALA A 144 -5.40 -5.64 10.16
C ALA A 144 -4.10 -5.05 10.11
N SER A 145 -4.76 -4.48 10.33
N SER A 145 -3.30 -4.02 10.45
CA SER A 145 -4.24 -3.66 9.22
CA SER A 145 -2.60 -3.15 9.46
C SER A 145 -2.77 -4.02 8.93
C SER A 145 -1.31 -3.82 8.98
N LYS A 146 -2.22 -3.59 7.79
N LYS A 146 -0.82 -3.43 7.80
CA LYS A 146 -0.80 -3.87 7.43
CA LYS A 146 0.52 -3.86 7.31
C LYS A 146 0.07 -3.46 8.60
C LYS A 146 1.49 -3.51 8.43
N PRO A 147 1.13 -4.23 8.96
N PRO A 147 2.51 -4.34 8.76
CA PRO A 147 1.65 -5.35 8.17
CA PRO A 147 2.91 -5.51 7.96
C PRO A 147 0.96 -6.72 8.29
C PRO A 147 2.15 -6.83 8.12
N ALA A 148 -0.16 -6.81 9.00
N ALA A 148 1.03 -6.86 8.85
CA ALA A 148 -1.02 -8.01 8.98
CA ALA A 148 0.15 -8.05 8.88
C ALA A 148 -1.47 -8.26 7.55
C ALA A 148 -0.31 -8.32 7.45
N PRO A 149 -1.59 -9.54 7.11
N PRO A 149 -0.44 -9.60 7.04
CA PRO A 149 -1.91 -9.86 5.72
CA PRO A 149 -0.81 -9.93 5.66
C PRO A 149 -3.39 -9.71 5.34
C PRO A 149 -2.29 -9.75 5.32
N ASP A 150 -4.24 -9.42 6.32
N ASP A 150 -3.11 -9.43 6.33
CA ASP A 150 -5.71 -9.53 6.19
CA ASP A 150 -4.60 -9.52 6.27
C ASP A 150 -6.23 -8.80 4.95
C ASP A 150 -5.15 -8.78 5.03
N ILE A 151 -5.76 -7.58 4.68
N ILE A 151 -4.68 -7.56 4.75
CA ILE A 151 -6.28 -6.79 3.53
CA ILE A 151 -5.28 -6.75 3.64
C ILE A 151 -5.95 -7.47 2.20
C ILE A 151 -4.98 -7.44 2.29
N PHE A 152 -4.76 -8.07 2.06
N PHE A 152 -3.80 -8.07 2.11
CA PHE A 152 -4.41 -8.80 0.82
CA PHE A 152 -3.47 -8.80 0.86
C PHE A 152 -5.25 -10.08 0.71
C PHE A 152 -4.30 -10.08 0.77
N ILE A 153 -5.46 -10.78 1.82
N ILE A 153 -4.44 -10.79 1.88
CA ILE A 153 -6.31 -12.00 1.84
CA ILE A 153 -5.27 -12.03 1.91
C ILE A 153 -7.73 -11.59 1.42
C ILE A 153 -6.72 -11.66 1.55
N ALA A 154 -8.22 -10.46 1.93
N ALA A 154 -7.23 -10.56 2.10
CA ALA A 154 -9.59 -9.99 1.65
CA ALA A 154 -8.62 -10.10 1.85
C ALA A 154 -9.72 -9.59 0.18
C ALA A 154 -8.79 -9.73 0.37
N ALA A 155 -8.70 -8.94 -0.37
N ALA A 155 -7.81 -9.04 -0.21
CA ALA A 155 -8.69 -8.52 -1.79
CA ALA A 155 -7.84 -8.61 -1.63
C ALA A 155 -8.77 -9.75 -2.71
C ALA A 155 -7.93 -9.85 -2.52
N ALA A 156 -7.99 -10.79 -2.41
N ALA A 156 -7.11 -10.87 -2.26
CA ALA A 156 -7.98 -12.05 -3.16
CA ALA A 156 -7.10 -12.11 -3.05
C ALA A 156 -9.35 -12.74 -3.02
C ALA A 156 -8.48 -12.80 -2.97
N HIS A 157 -9.81 -12.97 -1.78
N HIS A 157 -9.15 -12.79 -1.81
CA HIS A 157 -11.14 -13.55 -1.50
CA HIS A 157 -10.49 -13.45 -1.58
C HIS A 157 -12.14 -12.75 -2.32
C HIS A 157 -11.68 -12.80 -2.36
N ALA A 158 -11.89 -11.45 -2.38
CA ALA A 158 -12.92 -10.63 -3.05
C ALA A 158 -12.98 -10.93 -4.55
N VAL A 159 -11.90 -11.43 -5.15
CA VAL A 159 -11.88 -11.74 -6.61
C VAL A 159 -11.81 -13.27 -6.83
N GLY A 160 -12.00 -14.07 -5.78
CA GLY A 160 -12.14 -15.52 -5.89
C GLY A 160 -10.84 -16.23 -6.22
N VAL A 161 -9.69 -15.68 -5.82
CA VAL A 161 -8.35 -16.23 -6.16
C VAL A 161 -7.58 -16.45 -4.85
N ALA A 162 -6.81 -17.53 -4.75
CA ALA A 162 -5.92 -17.79 -3.60
C ALA A 162 -4.80 -16.76 -3.59
N PRO A 163 -4.36 -16.29 -2.39
CA PRO A 163 -3.15 -15.46 -2.33
C PRO A 163 -1.94 -16.09 -3.03
N SER A 164 -1.76 -17.41 -2.92
CA SER A 164 -0.61 -18.13 -3.51
C SER A 164 -0.64 -18.07 -5.05
N GLU A 165 -1.78 -17.68 -5.62
CA GLU A 165 -1.93 -17.53 -7.09
C GLU A 165 -1.95 -16.05 -7.46
N SER A 166 -1.45 -15.19 -6.57
CA SER A 166 -1.53 -13.73 -6.74
C SER A 166 -0.13 -13.10 -6.69
N ILE A 167 0.01 -11.97 -7.37
CA ILE A 167 1.15 -11.03 -7.23
C ILE A 167 0.64 -9.82 -6.45
N GLY A 168 1.43 -9.35 -5.49
CA GLY A 168 1.17 -8.07 -4.81
C GLY A 168 2.20 -7.02 -5.20
N LEU A 169 1.72 -5.81 -5.45
CA LEU A 169 2.61 -4.67 -5.81
C LEU A 169 2.60 -3.67 -4.68
N GLU A 170 3.79 -3.29 -4.21
CA GLU A 170 3.94 -2.45 -3.02
C GLU A 170 5.16 -1.55 -3.13
N ASP A 171 5.09 -0.40 -2.45
CA ASP A 171 6.23 0.54 -2.32
C ASP A 171 6.73 0.60 -0.87
N SER A 172 6.21 -0.20 0.07
CA SER A 172 6.48 0.00 1.51
C SER A 172 7.07 -1.24 2.17
N GLN A 173 7.50 -1.08 3.41
N GLN A 173 8.17 -1.00 2.93
CA GLN A 173 7.94 -2.19 4.28
CA GLN A 173 8.82 -2.01 3.80
C GLN A 173 6.74 -2.95 4.85
C GLN A 173 7.70 -2.82 4.47
N ALA A 174 5.77 -2.24 5.43
N ALA A 174 6.73 -2.16 5.09
CA ALA A 174 4.60 -2.86 6.09
CA ALA A 174 5.63 -2.86 5.81
C ALA A 174 3.84 -3.69 5.05
C ALA A 174 4.83 -3.68 4.79
N GLY A 175 3.64 -3.13 3.86
N GLY A 175 4.56 -3.12 3.62
CA GLY A 175 2.86 -3.79 2.81
CA GLY A 175 3.73 -3.78 2.60
C GLY A 175 3.55 -5.02 2.26
C GLY A 175 4.43 -4.98 1.98
N ILE A 176 4.87 -4.97 2.08
N ILE A 176 5.74 -4.88 1.75
CA ILE A 176 5.64 -6.16 1.63
CA ILE A 176 6.54 -6.03 1.24
C ILE A 176 5.46 -7.29 2.66
C ILE A 176 6.42 -7.18 2.25
N GLN A 177 5.56 -6.96 3.95
N GLN A 177 6.55 -6.88 3.54
CA GLN A 177 5.40 -8.00 5.00
CA GLN A 177 6.46 -7.93 4.58
C GLN A 177 3.98 -8.58 4.91
C GLN A 177 5.05 -8.52 4.57
N ALA A 178 2.97 -7.73 4.70
N ALA A 178 4.01 -7.67 4.43
CA ALA A 178 1.55 -8.14 4.60
CA ALA A 178 2.60 -8.14 4.39
C ALA A 178 1.38 -9.11 3.41
C ALA A 178 2.41 -9.09 3.21
N ILE A 179 1.98 -8.79 2.27
N ILE A 179 2.95 -8.75 2.04
CA ILE A 179 1.90 -9.68 1.07
CA ILE A 179 2.82 -9.63 0.84
C ILE A 179 2.58 -11.01 1.42
C ILE A 179 3.52 -10.96 1.13
N LYS A 180 3.78 -10.97 1.97
N LYS A 180 4.76 -10.90 1.62
CA LYS A 180 4.54 -12.21 2.31
CA LYS A 180 5.54 -12.13 1.94
C LYS A 180 3.63 -13.11 3.15
C LYS A 180 4.68 -13.06 2.81
N ASP A 181 2.99 -12.56 4.18
N ASP A 181 4.08 -12.51 3.87
CA ASP A 181 2.23 -13.37 5.17
CA ASP A 181 3.39 -13.32 4.90
C ASP A 181 0.86 -13.77 4.62
C ASP A 181 2.01 -13.75 4.39
N SER A 182 0.44 -13.22 3.48
N SER A 182 1.52 -13.17 3.30
CA SER A 182 -0.82 -13.57 2.80
CA SER A 182 0.24 -13.60 2.68
C SER A 182 -0.65 -14.84 1.95
C SER A 182 0.45 -14.87 1.84
N GLY A 183 0.57 -15.07 1.44
N GLY A 183 1.67 -15.08 1.36
CA GLY A 183 0.89 -16.15 0.48
CA GLY A 183 2.02 -16.17 0.42
C GLY A 183 1.13 -15.69 -0.95
C GLY A 183 1.98 -15.69 -1.01
N ALA A 184 0.96 -14.41 -1.30
N ALA A 184 1.41 -14.51 -1.22
CA ALA A 184 1.21 -13.86 -2.66
CA ALA A 184 1.40 -13.82 -2.52
C ALA A 184 2.70 -13.52 -2.88
C ALA A 184 2.84 -13.49 -2.87
N LEU A 185 3.13 -13.31 -4.14
CA LEU A 185 4.51 -12.98 -4.56
C LEU A 185 4.63 -11.46 -4.62
N PRO A 186 5.56 -10.86 -3.84
CA PRO A 186 5.73 -9.40 -3.89
C PRO A 186 6.65 -8.95 -5.01
N ILE A 187 6.32 -7.81 -5.63
CA ILE A 187 7.26 -7.07 -6.50
C ILE A 187 7.21 -5.63 -6.02
N GLY A 188 8.29 -5.19 -5.40
CA GLY A 188 8.32 -3.85 -4.81
C GLY A 188 8.74 -2.82 -5.84
N VAL A 189 8.35 -1.57 -5.60
CA VAL A 189 8.85 -0.42 -6.41
C VAL A 189 9.47 0.59 -5.46
N GLY A 190 10.73 0.92 -5.72
CA GLY A 190 11.48 1.90 -4.91
C GLY A 190 12.95 1.55 -4.87
N ARG A 191 13.49 1.78 -3.66
N ARG A 191 13.72 2.24 -4.01
CA ARG A 191 14.93 1.62 -3.35
CA ARG A 191 15.23 2.17 -3.98
C ARG A 191 15.13 0.36 -2.52
C ARG A 191 15.70 0.90 -3.30
N PRO A 192 16.07 -0.51 -2.92
N PRO A 192 16.81 0.28 -3.77
CA PRO A 192 16.44 -1.67 -2.10
CA PRO A 192 17.38 -0.87 -3.07
C PRO A 192 16.86 -1.24 -0.69
C PRO A 192 17.72 -0.52 -1.61
N GLU A 193 17.42 -0.03 -0.53
N GLU A 193 18.19 0.72 -1.38
CA GLU A 193 17.88 0.44 0.81
CA GLU A 193 18.62 1.24 -0.06
C GLU A 193 16.65 0.59 1.72
C GLU A 193 17.43 1.15 0.91
N ASP A 194 15.46 0.79 1.13
N ASP A 194 16.21 1.18 0.40
CA ASP A 194 14.20 0.96 1.90
CA ASP A 194 14.99 1.25 1.23
C ASP A 194 13.47 -0.38 2.00
C ASP A 194 14.30 -0.11 1.31
N LEU A 195 13.41 -1.15 0.92
N LEU A 195 14.27 -0.86 0.21
CA LEU A 195 12.44 -2.29 0.81
CA LEU A 195 13.37 -2.05 0.11
C LEU A 195 13.14 -3.65 0.90
C LEU A 195 14.18 -3.35 0.22
N GLY A 196 14.48 -3.69 0.87
N GLY A 196 15.52 -3.28 0.18
CA GLY A 196 15.26 -4.95 1.03
CA GLY A 196 16.39 -4.44 0.48
C GLY A 196 15.82 -5.49 -0.27
C GLY A 196 16.78 -5.23 -0.75
N ASP A 197 16.69 -6.50 -0.18
N ASP A 197 17.32 -6.44 -0.54
CA ASP A 197 17.50 -7.04 -1.30
CA ASP A 197 17.86 -7.31 -1.62
C ASP A 197 17.14 -8.51 -1.56
C ASP A 197 17.17 -8.69 -1.64
N ASP A 198 16.02 -8.92 -0.96
CA ASP A 198 15.54 -10.33 -0.84
C ASP A 198 14.26 -10.60 -1.65
N ILE A 199 13.67 -9.58 -2.29
CA ILE A 199 12.57 -9.75 -3.27
C ILE A 199 12.94 -9.00 -4.52
N VAL A 200 12.12 -9.17 -5.56
CA VAL A 200 12.28 -8.39 -6.81
C VAL A 200 11.80 -6.97 -6.52
N ILE A 201 12.67 -6.01 -6.82
CA ILE A 201 12.38 -4.56 -6.67
C ILE A 201 12.68 -3.92 -8.03
N VAL A 202 11.78 -3.05 -8.47
CA VAL A 202 11.96 -2.25 -9.70
C VAL A 202 12.11 -0.80 -9.30
N PRO A 203 12.84 0.02 -10.08
CA PRO A 203 13.09 1.40 -9.65
C PRO A 203 11.91 2.35 -9.83
N ASP A 204 11.00 2.02 -10.73
CA ASP A 204 9.84 2.88 -11.03
C ASP A 204 8.75 2.01 -11.65
N THR A 205 7.55 2.53 -11.72
CA THR A 205 6.38 1.71 -12.12
C THR A 205 6.36 1.44 -13.62
N SER A 206 7.17 2.08 -14.45
CA SER A 206 7.20 1.72 -15.89
C SER A 206 7.57 0.23 -16.01
N HIS A 207 8.29 -0.29 -15.03
CA HIS A 207 8.75 -1.70 -15.02
C HIS A 207 7.60 -2.67 -14.77
N TYR A 208 6.46 -2.18 -14.27
CA TYR A 208 5.29 -3.03 -14.01
C TYR A 208 4.53 -3.23 -15.33
N THR A 209 5.05 -4.09 -16.18
CA THR A 209 4.35 -4.56 -17.39
C THR A 209 3.85 -5.95 -17.13
N LEU A 210 2.79 -6.36 -17.81
CA LEU A 210 2.39 -7.77 -17.72
C LEU A 210 3.54 -8.66 -18.18
N GLU A 211 4.30 -8.26 -19.20
CA GLU A 211 5.48 -9.05 -19.67
C GLU A 211 6.39 -9.30 -18.46
N PHE A 212 6.72 -8.26 -17.70
CA PHE A 212 7.67 -8.41 -16.58
C PHE A 212 7.06 -9.23 -15.44
N LEU A 213 5.78 -9.01 -15.13
CA LEU A 213 5.15 -9.85 -14.08
C LEU A 213 5.22 -11.32 -14.47
N LYS A 214 5.02 -11.64 -15.74
CA LYS A 214 5.19 -13.05 -16.22
C LYS A 214 6.66 -13.46 -16.09
N GLU A 215 7.60 -12.60 -16.47
CA GLU A 215 9.05 -12.89 -16.41
C GLU A 215 9.38 -13.27 -14.97
N VAL A 216 8.89 -12.49 -14.01
CA VAL A 216 9.15 -12.72 -12.55
C VAL A 216 8.45 -13.98 -12.07
N TRP A 217 7.19 -14.16 -12.43
CA TRP A 217 6.41 -15.33 -11.99
C TRP A 217 7.07 -16.64 -12.46
N LEU A 218 7.58 -16.68 -13.69
CA LEU A 218 8.24 -17.88 -14.28
C LEU A 218 9.51 -18.21 -13.49
N GLN A 219 10.21 -17.22 -12.93
CA GLN A 219 11.53 -17.38 -12.26
C GLN A 219 11.37 -17.53 -10.74
N LYS A 220 10.14 -17.65 -10.24
CA LYS A 220 9.79 -17.69 -8.79
C LYS A 220 10.51 -18.85 -8.11
AL ALF B . -1.14 1.78 0.70
F1 ALF B . 0.25 2.82 0.16
F2 ALF B . -2.40 0.64 1.23
F3 ALF B . -2.20 2.39 -0.63
F4 ALF B . -0.08 1.04 1.92
C1 BG6 C . -1.51 3.59 3.02
C2 BG6 C . -0.41 4.65 3.03
O1 BG6 C . -1.76 3.19 1.72
O5 BG6 C . -2.73 4.19 3.51
C3 BG6 C . -0.23 5.20 4.43
O2 BG6 C . 0.80 4.06 2.59
C4 BG6 C . -1.55 5.70 4.99
O3 BG6 C . 0.72 6.27 4.33
C5 BG6 C . -2.59 4.60 4.88
O4 BG6 C . -1.39 6.10 6.36
C6 BG6 C . -3.96 5.03 5.40
O6 BG6 C . -4.45 6.09 4.57
P BG6 C . -5.73 6.97 5.00
O1P BG6 C . -5.33 7.93 6.10
O2P BG6 C . -6.81 6.03 5.48
O3P BG6 C . -6.08 7.65 3.71
NA NA D . -13.29 10.64 -12.19
MG MG E . 2.03 2.44 -0.63
#